data_3SGT
#
_entry.id   3SGT
#
_cell.length_a   62.922
_cell.length_b   68.351
_cell.length_c   111.979
_cell.angle_alpha   90.000
_cell.angle_beta   90.000
_cell.angle_gamma   90.000
#
_symmetry.space_group_name_H-M   'P 21 21 21'
#
loop_
_entity.id
_entity.type
_entity.pdbx_description
1 polymer 'Undecaprenyl pyrophosphate synthase'
2 non-polymer '2-{[4-(3,4-dimethylphenoxy)phenyl]carbamoyl}benzoic acid'
3 water water
#
_entity_poly.entity_id   1
_entity_poly.type   'polypeptide(L)'
_entity_poly.pdbx_seq_one_letter_code
;MMLSATQPLSEKLPAHGCRHVAIIMDGNGRWAKKQGKIRAFGHKAGAKSVRRAVSFAANNGIEALTLYAFSSENWNRPAQ
EVSALMELFVWALDSEVKSLHRHNVRLRIIGDTSRFNSRLQERIRKSEALTAGNTGLTLNIAANYGGRWDIVQGVRQLAE
KVQQGNLQPDQIDEEMLNQHVCMHELAPVDLVIRTGGEHRISNFLLWQIAYAELYFTDVLWPDFDEQDFEGALNAFANRE
RRFGGTEPGDETA
;
_entity_poly.pdbx_strand_id   B,A
#
# COMPACT_ATOMS: atom_id res chain seq x y z
N LEU A 13 -25.27 -8.30 2.25
CA LEU A 13 -24.19 -7.68 1.38
C LEU A 13 -24.84 -7.14 0.10
N PRO A 14 -24.67 -5.83 -0.19
CA PRO A 14 -25.17 -5.25 -1.45
C PRO A 14 -24.65 -5.97 -2.66
N ALA A 15 -25.35 -5.86 -3.80
CA ALA A 15 -24.93 -6.50 -5.04
C ALA A 15 -23.50 -6.15 -5.43
N HIS A 16 -23.09 -4.90 -5.21
CA HIS A 16 -21.71 -4.48 -5.62
C HIS A 16 -20.63 -5.18 -4.75
N GLY A 17 -21.04 -5.71 -3.60
CA GLY A 17 -20.13 -6.51 -2.78
C GLY A 17 -19.19 -5.70 -1.86
N CYS A 18 -19.23 -4.37 -1.92
CA CYS A 18 -18.30 -3.51 -1.15
C CYS A 18 -18.88 -3.08 0.15
N ARG A 19 -18.17 -3.39 1.22
CA ARG A 19 -18.54 -2.85 2.50
C ARG A 19 -17.79 -1.59 2.89
N HIS A 20 -16.53 -1.43 2.44
CA HIS A 20 -15.68 -0.30 2.89
C HIS A 20 -14.85 0.18 1.69
N VAL A 21 -15.09 1.44 1.33
CA VAL A 21 -14.41 2.07 0.17
C VAL A 21 -13.55 3.16 0.73
N ALA A 22 -12.32 3.29 0.21
CA ALA A 22 -11.49 4.40 0.62
C ALA A 22 -11.15 5.20 -0.63
N ILE A 23 -10.97 6.52 -0.52
CA ILE A 23 -10.81 7.34 -1.71
C ILE A 23 -9.66 8.33 -1.46
N ILE A 24 -8.66 8.35 -2.35
CA ILE A 24 -7.68 9.42 -2.41
C ILE A 24 -8.24 10.46 -3.36
N MET A 25 -8.62 11.61 -2.82
CA MET A 25 -9.31 12.63 -3.54
C MET A 25 -8.18 13.54 -4.09
N ASP A 26 -7.89 13.46 -5.37
CA ASP A 26 -6.82 14.30 -5.95
C ASP A 26 -7.40 14.96 -7.16
N GLY A 27 -6.90 16.17 -7.48
CA GLY A 27 -7.30 16.81 -8.72
C GLY A 27 -7.96 18.15 -8.46
N ASN A 28 -8.18 18.54 -7.17
CA ASN A 28 -8.87 19.90 -6.92
C ASN A 28 -8.10 21.10 -7.53
N GLY A 29 -6.80 21.11 -7.27
CA GLY A 29 -5.92 22.12 -7.86
C GLY A 29 -5.88 22.10 -9.38
N ARG A 30 -5.70 20.92 -9.99
CA ARG A 30 -5.71 20.85 -11.48
C ARG A 30 -7.04 21.31 -12.06
N TRP A 31 -8.15 20.91 -11.39
CA TRP A 31 -9.49 21.37 -11.80
C TRP A 31 -9.62 22.90 -11.80
N ALA A 32 -9.16 23.54 -10.76
CA ALA A 32 -9.28 25.03 -10.73
C ALA A 32 -8.37 25.65 -11.80
N LYS A 33 -7.14 25.14 -11.92
CA LYS A 33 -6.19 25.59 -12.98
C LYS A 33 -6.77 25.47 -14.40
N LYS A 34 -7.41 24.36 -14.72
CA LYS A 34 -8.06 24.23 -16.05
C LYS A 34 -9.01 25.36 -16.38
N GLN A 35 -9.69 25.88 -15.36
CA GLN A 35 -10.72 26.91 -15.52
C GLN A 35 -10.21 28.32 -15.35
N GLY A 36 -8.90 28.50 -15.18
CA GLY A 36 -8.34 29.82 -14.89
C GLY A 36 -8.68 30.34 -13.48
N LYS A 37 -8.95 29.44 -12.53
CA LYS A 37 -9.23 29.83 -11.18
C LYS A 37 -8.14 29.52 -10.16
N ILE A 38 -8.13 30.28 -9.06
CA ILE A 38 -7.17 29.96 -8.00
C ILE A 38 -7.63 28.71 -7.22
N ARG A 39 -6.68 28.16 -6.44
CA ARG A 39 -6.78 26.85 -5.77
C ARG A 39 -8.03 26.78 -4.89
N ALA A 40 -8.35 27.90 -4.24
CA ALA A 40 -9.57 28.03 -3.39
C ALA A 40 -10.89 27.58 -4.07
N PHE A 41 -11.04 27.88 -5.34
CA PHE A 41 -12.27 27.49 -6.01
C PHE A 41 -12.31 25.98 -6.21
N GLY A 42 -11.12 25.41 -6.33
CA GLY A 42 -10.98 23.90 -6.45
C GLY A 42 -11.37 23.26 -5.14
N HIS A 43 -10.94 23.87 -4.02
CA HIS A 43 -11.31 23.36 -2.70
C HIS A 43 -12.83 23.40 -2.48
N LYS A 44 -13.46 24.49 -2.85
CA LYS A 44 -14.91 24.60 -2.74
C LYS A 44 -15.67 23.54 -3.59
N ALA A 45 -15.19 23.34 -4.81
CA ALA A 45 -15.82 22.35 -5.73
C ALA A 45 -15.56 20.93 -5.15
N GLY A 46 -14.34 20.72 -4.64
CA GLY A 46 -13.96 19.51 -3.90
C GLY A 46 -14.91 19.13 -2.76
N ALA A 47 -15.25 20.12 -1.95
CA ALA A 47 -16.15 19.89 -0.81
C ALA A 47 -17.51 19.46 -1.29
N LYS A 48 -17.94 20.06 -2.40
CA LYS A 48 -19.24 19.69 -2.95
C LYS A 48 -19.16 18.26 -3.39
N SER A 49 -18.02 17.88 -3.98
CA SER A 49 -17.84 16.47 -4.38
C SER A 49 -17.78 15.49 -3.19
N VAL A 50 -17.26 15.95 -2.06
CA VAL A 50 -17.30 15.13 -0.83
C VAL A 50 -18.75 14.90 -0.39
N ARG A 51 -19.54 15.96 -0.42
CA ARG A 51 -20.96 15.79 0.05
C ARG A 51 -21.70 14.80 -0.84
N ARG A 52 -21.47 14.90 -2.14
CA ARG A 52 -22.12 14.04 -3.11
C ARG A 52 -21.68 12.54 -2.94
N ALA A 53 -20.40 12.30 -2.68
CA ALA A 53 -19.87 10.96 -2.53
C ALA A 53 -20.36 10.36 -1.19
N VAL A 54 -20.38 11.18 -0.14
CA VAL A 54 -20.93 10.72 1.17
C VAL A 54 -22.38 10.24 1.01
N SER A 55 -23.20 11.10 0.40
CA SER A 55 -24.62 10.81 0.21
C SER A 55 -24.79 9.54 -0.68
N PHE A 56 -23.99 9.43 -1.73
CA PHE A 56 -24.03 8.21 -2.61
C PHE A 56 -23.67 6.95 -1.83
N ALA A 57 -22.54 6.99 -1.10
CA ALA A 57 -22.15 5.81 -0.30
C ALA A 57 -23.28 5.42 0.69
N ALA A 58 -23.87 6.42 1.33
CA ALA A 58 -24.89 6.15 2.36
C ALA A 58 -26.13 5.53 1.69
N ASN A 59 -26.48 6.02 0.52
CA ASN A 59 -27.63 5.46 -0.20
C ASN A 59 -27.42 4.12 -0.89
N ASN A 60 -26.17 3.65 -0.97
CA ASN A 60 -25.87 2.50 -1.75
C ASN A 60 -25.33 1.36 -0.86
N GLY A 61 -25.68 1.43 0.41
CA GLY A 61 -25.46 0.38 1.42
C GLY A 61 -23.99 0.14 1.81
N ILE A 62 -23.10 1.09 1.54
CA ILE A 62 -21.68 0.96 1.95
C ILE A 62 -21.63 1.19 3.48
N GLU A 63 -20.89 0.37 4.20
CA GLU A 63 -20.78 0.51 5.64
C GLU A 63 -19.88 1.67 6.07
N ALA A 64 -18.75 1.76 5.35
CA ALA A 64 -17.70 2.71 5.70
C ALA A 64 -17.06 3.32 4.45
N LEU A 65 -16.78 4.60 4.58
CA LEU A 65 -16.15 5.40 3.56
C LEU A 65 -15.01 6.10 4.24
N THR A 66 -13.80 5.95 3.70
CA THR A 66 -12.65 6.66 4.26
C THR A 66 -12.03 7.56 3.21
N LEU A 67 -11.84 8.84 3.57
CA LEU A 67 -11.44 9.84 2.58
C LEU A 67 -10.08 10.42 2.96
N TYR A 68 -9.23 10.55 1.95
CA TYR A 68 -7.92 11.15 2.11
C TYR A 68 -7.78 12.34 1.16
N ALA A 69 -7.55 13.51 1.74
CA ALA A 69 -7.35 14.73 0.88
C ALA A 69 -5.90 14.79 0.47
N PHE A 70 -5.59 14.41 -0.76
CA PHE A 70 -4.21 14.34 -1.16
C PHE A 70 -3.68 15.80 -1.31
N SER A 71 -2.51 16.11 -0.79
CA SER A 71 -1.90 17.42 -1.09
C SER A 71 -0.54 17.19 -1.79
N SER A 72 0.37 16.43 -1.17
CA SER A 72 1.63 16.03 -1.84
C SER A 72 2.37 14.91 -1.10
N GLU A 73 3.50 14.50 -1.65
CA GLU A 73 4.29 13.45 -1.03
C GLU A 73 5.51 13.92 -0.19
N ASN A 74 5.59 15.24 0.05
CA ASN A 74 6.74 15.84 0.77
C ASN A 74 6.61 15.65 2.29
N PRO A 78 6.98 22.20 4.98
CA PRO A 78 7.14 23.62 5.29
C PRO A 78 5.96 24.22 6.11
N ALA A 79 6.29 25.23 6.91
CA ALA A 79 5.34 25.91 7.83
C ALA A 79 3.97 26.25 7.20
N GLN A 80 3.98 26.99 6.09
CA GLN A 80 2.75 27.49 5.44
C GLN A 80 1.93 26.40 4.80
N GLU A 81 2.58 25.30 4.43
CA GLU A 81 1.88 24.16 3.86
C GLU A 81 0.96 23.54 4.93
N VAL A 82 1.56 22.99 6.01
CA VAL A 82 0.82 22.39 7.14
C VAL A 82 -0.32 23.32 7.61
N SER A 83 0.05 24.59 7.79
CA SER A 83 -0.86 25.59 8.24
C SER A 83 -2.09 25.73 7.30
N ALA A 84 -1.85 25.78 5.99
CA ALA A 84 -2.94 25.84 5.00
C ALA A 84 -3.83 24.58 5.09
N LEU A 85 -3.20 23.42 5.26
CA LEU A 85 -3.94 22.15 5.36
C LEU A 85 -4.75 22.05 6.65
N MET A 86 -4.17 22.60 7.73
CA MET A 86 -4.84 22.67 9.01
C MET A 86 -6.09 23.53 8.88
N GLU A 87 -5.94 24.72 8.28
CA GLU A 87 -7.08 25.61 8.07
C GLU A 87 -8.11 24.97 7.20
N LEU A 88 -7.68 24.27 6.16
CA LEU A 88 -8.67 23.55 5.30
C LEU A 88 -9.48 22.46 6.08
N PHE A 89 -8.79 21.78 6.98
CA PHE A 89 -9.49 20.84 7.87
C PHE A 89 -10.49 21.54 8.81
N VAL A 90 -10.02 22.61 9.46
CA VAL A 90 -10.83 23.43 10.37
C VAL A 90 -12.11 23.87 9.67
N TRP A 91 -11.96 24.40 8.46
CA TRP A 91 -13.08 24.94 7.71
C TRP A 91 -14.04 23.79 7.40
N ALA A 92 -13.50 22.69 6.90
CA ALA A 92 -14.31 21.56 6.48
C ALA A 92 -15.08 20.98 7.68
N LEU A 93 -14.43 20.81 8.84
CA LEU A 93 -15.07 20.21 10.00
C LEU A 93 -16.23 21.08 10.51
N ASP A 94 -15.92 22.36 10.68
CA ASP A 94 -16.88 23.38 11.08
C ASP A 94 -18.07 23.42 10.16
N SER A 95 -17.81 23.38 8.86
CA SER A 95 -18.89 23.49 7.92
C SER A 95 -19.73 22.20 7.68
N GLU A 96 -19.15 21.01 7.91
CA GLU A 96 -19.80 19.77 7.44
C GLU A 96 -20.47 18.94 8.56
N VAL A 97 -20.13 19.16 9.84
CA VAL A 97 -20.51 18.20 10.87
C VAL A 97 -22.02 18.16 11.08
N LYS A 98 -22.68 19.32 11.06
CA LYS A 98 -24.14 19.30 11.25
C LYS A 98 -24.89 18.58 10.14
N SER A 99 -24.46 18.82 8.92
CA SER A 99 -25.03 18.12 7.79
C SER A 99 -24.80 16.62 7.88
N LEU A 100 -23.56 16.20 8.13
CA LEU A 100 -23.31 14.78 8.36
C LEU A 100 -24.26 14.20 9.41
N HIS A 101 -24.40 14.91 10.54
CA HIS A 101 -25.23 14.36 11.65
C HIS A 101 -26.65 14.22 11.16
N ARG A 102 -27.07 15.17 10.34
CA ARG A 102 -28.42 15.16 9.84
C ARG A 102 -28.66 14.09 8.75
N HIS A 103 -27.58 13.50 8.22
CA HIS A 103 -27.67 12.38 7.27
C HIS A 103 -27.37 11.04 7.97
N ASN A 104 -27.37 11.07 9.29
CA ASN A 104 -27.17 9.86 10.14
C ASN A 104 -25.77 9.25 9.89
N VAL A 105 -24.78 10.07 9.58
CA VAL A 105 -23.42 9.59 9.40
C VAL A 105 -22.64 9.64 10.71
N ARG A 106 -21.89 8.58 11.01
CA ARG A 106 -21.02 8.57 12.16
C ARG A 106 -19.64 8.97 11.72
N LEU A 107 -19.14 10.09 12.24
CA LEU A 107 -17.85 10.66 11.84
C LEU A 107 -16.69 10.24 12.75
N ARG A 108 -15.59 9.82 12.14
CA ARG A 108 -14.37 9.58 12.90
C ARG A 108 -13.20 10.23 12.18
N ILE A 109 -12.21 10.74 12.93
CA ILE A 109 -11.03 11.31 12.31
C ILE A 109 -9.89 10.34 12.56
N ILE A 110 -9.10 10.00 11.54
CA ILE A 110 -7.99 9.12 11.76
C ILE A 110 -6.74 9.95 11.39
N GLY A 111 -5.69 9.82 12.15
CA GLY A 111 -4.43 10.41 11.73
C GLY A 111 -3.81 11.01 13.01
N ASP A 112 -2.65 11.65 12.86
CA ASP A 112 -1.90 12.17 14.04
C ASP A 112 -2.36 13.59 14.42
N THR A 113 -3.31 13.64 15.34
CA THR A 113 -3.90 14.91 15.72
C THR A 113 -3.27 15.41 17.04
N SER A 114 -2.21 14.72 17.49
CA SER A 114 -1.61 14.97 18.82
C SER A 114 -1.11 16.40 18.96
N ARG A 115 -0.62 17.00 17.88
CA ARG A 115 -0.05 18.35 17.98
C ARG A 115 -1.02 19.42 17.47
N PHE A 116 -2.25 19.02 17.10
CA PHE A 116 -3.30 19.98 16.88
C PHE A 116 -3.53 20.70 18.23
N ASN A 117 -3.91 21.96 18.21
CA ASN A 117 -4.05 22.67 19.50
C ASN A 117 -5.27 22.15 20.22
N SER A 118 -5.23 22.26 21.55
CA SER A 118 -6.24 21.66 22.43
C SER A 118 -7.67 22.04 22.05
N ARG A 119 -7.87 23.22 21.45
CA ARG A 119 -9.24 23.69 21.15
C ARG A 119 -9.84 22.94 19.97
N LEU A 120 -9.01 22.77 18.95
CA LEU A 120 -9.35 21.98 17.79
C LEU A 120 -9.52 20.50 18.15
N GLN A 121 -8.66 20.00 19.03
CA GLN A 121 -8.77 18.58 19.44
C GLN A 121 -10.12 18.40 20.14
N GLU A 122 -10.54 19.43 20.90
CA GLU A 122 -11.86 19.42 21.55
C GLU A 122 -13.04 19.39 20.56
N ARG A 123 -12.95 20.24 19.54
CA ARG A 123 -13.92 20.32 18.46
C ARG A 123 -14.03 18.99 17.68
N ILE A 124 -12.88 18.36 17.44
CA ILE A 124 -12.87 17.02 16.83
C ILE A 124 -13.60 16.02 17.73
N ARG A 125 -13.22 16.03 19.00
CA ARG A 125 -13.87 15.13 19.96
C ARG A 125 -15.38 15.35 20.07
N LYS A 126 -15.85 16.60 20.09
CA LYS A 126 -17.29 16.85 20.21
C LYS A 126 -18.05 16.40 18.95
N SER A 127 -17.42 16.54 17.79
CA SER A 127 -17.99 16.17 16.51
C SER A 127 -18.12 14.67 16.45
N GLU A 128 -17.13 13.95 16.97
CA GLU A 128 -17.21 12.52 17.03
C GLU A 128 -18.31 12.07 18.03
N ALA A 129 -18.39 12.75 19.17
CA ALA A 129 -19.28 12.29 20.21
C ALA A 129 -20.70 12.55 19.73
N LEU A 130 -20.92 13.69 19.08
CA LEU A 130 -22.23 14.02 18.53
C LEU A 130 -22.82 12.95 17.60
N THR A 131 -21.95 12.37 16.75
CA THR A 131 -22.40 11.53 15.67
C THR A 131 -22.11 10.08 16.04
N ALA A 132 -21.63 9.86 17.25
CA ALA A 132 -21.20 8.52 17.60
C ALA A 132 -22.32 7.49 17.66
N GLY A 133 -23.55 7.92 17.94
CA GLY A 133 -24.69 6.99 17.97
C GLY A 133 -25.39 6.88 16.62
N ASN A 134 -24.87 7.55 15.58
CA ASN A 134 -25.48 7.43 14.27
C ASN A 134 -25.31 6.04 13.66
N THR A 135 -26.35 5.58 12.94
CA THR A 135 -26.41 4.21 12.47
C THR A 135 -26.22 4.03 10.97
N GLY A 136 -25.94 5.13 10.25
CA GLY A 136 -25.87 5.08 8.82
C GLY A 136 -24.36 4.89 8.50
N LEU A 137 -23.90 5.52 7.44
CA LEU A 137 -22.50 5.35 7.00
C LEU A 137 -21.53 5.73 8.11
N THR A 138 -20.45 4.97 8.25
CA THR A 138 -19.32 5.45 9.07
C THR A 138 -18.32 6.14 8.11
N LEU A 139 -18.04 7.39 8.39
CA LEU A 139 -17.18 8.22 7.53
C LEU A 139 -15.92 8.51 8.29
N ASN A 140 -14.82 7.97 7.76
CA ASN A 140 -13.49 8.23 8.38
C ASN A 140 -12.76 9.26 7.56
N ILE A 141 -12.32 10.34 8.22
CA ILE A 141 -11.64 11.40 7.52
C ILE A 141 -10.20 11.43 7.99
N ALA A 142 -9.25 11.27 7.03
CA ALA A 142 -7.87 11.25 7.40
C ALA A 142 -7.40 12.71 7.61
N ALA A 143 -6.77 12.99 8.74
CA ALA A 143 -6.26 14.33 8.99
C ALA A 143 -4.86 14.18 9.54
N ASN A 144 -3.88 14.73 8.84
CA ASN A 144 -2.48 14.49 9.19
C ASN A 144 -2.21 13.01 9.37
N TYR A 145 -2.68 12.23 8.39
CA TYR A 145 -2.61 10.76 8.36
C TYR A 145 -1.48 10.26 7.43
N GLY A 146 -0.74 9.24 7.87
CA GLY A 146 0.10 8.47 6.91
C GLY A 146 0.04 7.00 7.26
N GLY A 147 0.11 6.14 6.23
CA GLY A 147 0.09 4.66 6.40
C GLY A 147 1.21 4.14 7.28
N ARG A 148 2.41 4.72 7.13
CA ARG A 148 3.54 4.35 7.97
C ARG A 148 3.33 4.83 9.42
N TRP A 149 2.84 6.06 9.63
CA TRP A 149 2.58 6.55 11.01
C TRP A 149 1.59 5.60 11.69
N ASP A 150 0.55 5.16 10.95
CA ASP A 150 -0.54 4.33 11.51
C ASP A 150 0.07 3.03 11.98
N ILE A 151 0.94 2.47 11.15
CA ILE A 151 1.60 1.23 11.60
C ILE A 151 2.47 1.49 12.85
N VAL A 152 3.23 2.58 12.82
CA VAL A 152 4.15 2.90 13.93
C VAL A 152 3.39 3.21 15.21
N GLN A 153 2.24 3.85 15.14
CA GLN A 153 1.54 4.09 16.40
C GLN A 153 1.01 2.76 16.95
N GLY A 154 0.67 1.84 16.08
CA GLY A 154 0.15 0.49 16.56
C GLY A 154 1.34 -0.26 17.18
N VAL A 155 2.53 -0.12 16.57
CA VAL A 155 3.76 -0.73 17.11
C VAL A 155 4.07 -0.13 18.48
N ARG A 156 3.91 1.19 18.62
CA ARG A 156 4.11 1.78 19.98
C ARG A 156 3.19 1.29 21.04
N GLN A 157 1.92 1.03 20.68
CA GLN A 157 0.97 0.50 21.64
C GLN A 157 1.42 -0.90 22.07
N LEU A 158 1.91 -1.70 21.12
CA LEU A 158 2.39 -3.06 21.48
C LEU A 158 3.66 -2.97 22.37
N ALA A 159 4.57 -2.09 21.96
CA ALA A 159 5.80 -1.90 22.77
C ALA A 159 5.49 -1.44 24.20
N GLU A 160 4.47 -0.60 24.39
CA GLU A 160 4.12 -0.22 25.76
C GLU A 160 3.63 -1.39 26.56
N LYS A 161 2.92 -2.32 25.90
CA LYS A 161 2.41 -3.48 26.55
C LYS A 161 3.54 -4.44 26.90
N VAL A 162 4.57 -4.47 26.08
CA VAL A 162 5.73 -5.30 26.40
C VAL A 162 6.45 -4.72 27.58
N GLN A 163 6.70 -3.42 27.55
CA GLN A 163 7.39 -2.74 28.65
C GLN A 163 6.64 -2.89 29.98
N GLN A 164 5.31 -2.82 29.95
CA GLN A 164 4.54 -3.12 31.17
C GLN A 164 4.67 -4.57 31.68
N GLY A 165 5.16 -5.47 30.86
CA GLY A 165 5.25 -6.86 31.27
C GLY A 165 3.99 -7.63 30.86
N ASN A 166 3.05 -6.93 30.21
CA ASN A 166 1.83 -7.55 29.73
C ASN A 166 1.88 -8.38 28.41
N LEU A 167 2.96 -8.32 27.64
CA LEU A 167 2.91 -8.90 26.31
C LEU A 167 4.29 -9.47 26.04
N GLN A 168 4.33 -10.69 25.51
CA GLN A 168 5.62 -11.30 25.11
C GLN A 168 5.89 -11.04 23.63
N PRO A 169 7.13 -10.61 23.29
CA PRO A 169 7.45 -10.35 21.87
C PRO A 169 7.02 -11.48 20.94
N ASP A 170 7.09 -12.72 21.41
CA ASP A 170 6.84 -13.85 20.53
C ASP A 170 5.34 -14.12 20.35
N GLN A 171 4.51 -13.45 21.15
CA GLN A 171 3.03 -13.54 20.97
C GLN A 171 2.53 -12.56 19.89
N ILE A 172 3.40 -11.65 19.45
CA ILE A 172 3.01 -10.66 18.44
C ILE A 172 2.92 -11.32 17.07
N ASP A 173 1.72 -11.33 16.51
CA ASP A 173 1.51 -11.87 15.19
C ASP A 173 0.77 -10.83 14.35
N GLU A 174 0.49 -11.18 13.10
CA GLU A 174 -0.22 -10.22 12.20
C GLU A 174 -1.57 -9.84 12.77
N GLU A 175 -2.30 -10.84 13.31
CA GLU A 175 -3.66 -10.54 13.82
C GLU A 175 -3.53 -9.54 14.96
N MET A 176 -2.53 -9.69 15.81
CA MET A 176 -2.39 -8.76 16.91
C MET A 176 -2.09 -7.34 16.43
N LEU A 177 -1.13 -7.20 15.54
CA LEU A 177 -0.87 -5.85 15.02
C LEU A 177 -2.08 -5.29 14.26
N ASN A 178 -2.83 -6.14 13.57
CA ASN A 178 -4.07 -5.73 12.89
C ASN A 178 -5.06 -5.05 13.85
N GLN A 179 -5.09 -5.55 15.08
CA GLN A 179 -6.03 -5.02 16.08
C GLN A 179 -5.58 -3.71 16.68
N HIS A 180 -4.41 -3.20 16.30
CA HIS A 180 -3.94 -1.95 16.78
C HIS A 180 -3.76 -0.85 15.71
N VAL A 181 -4.12 -1.13 14.45
CA VAL A 181 -4.03 -0.08 13.41
C VAL A 181 -5.40 0.60 13.25
N CYS A 182 -5.44 1.77 12.60
CA CYS A 182 -6.73 2.51 12.51
C CYS A 182 -7.74 1.69 11.77
N MET A 183 -8.99 1.78 12.23
CA MET A 183 -10.16 1.20 11.57
C MET A 183 -10.22 -0.30 11.71
N HIS A 184 -9.41 -0.88 12.62
CA HIS A 184 -9.41 -2.37 12.75
C HIS A 184 -10.78 -2.94 13.09
N GLU A 185 -11.64 -2.14 13.70
CA GLU A 185 -13.00 -2.58 14.11
C GLU A 185 -14.05 -2.51 13.01
N LEU A 186 -13.72 -1.87 11.89
CA LEU A 186 -14.61 -1.80 10.71
C LEU A 186 -14.32 -2.91 9.68
N ALA A 187 -15.25 -3.13 8.75
CA ALA A 187 -15.00 -4.10 7.66
C ALA A 187 -13.67 -3.74 7.01
N PRO A 188 -12.94 -4.77 6.55
CA PRO A 188 -11.70 -4.50 5.82
C PRO A 188 -11.99 -3.64 4.58
N VAL A 189 -11.01 -2.86 4.19
CA VAL A 189 -11.15 -2.02 3.00
C VAL A 189 -11.20 -2.91 1.75
N ASP A 190 -12.27 -2.81 0.96
CA ASP A 190 -12.50 -3.70 -0.18
C ASP A 190 -11.93 -3.03 -1.44
N LEU A 191 -12.01 -1.71 -1.43
CA LEU A 191 -11.74 -0.96 -2.70
C LEU A 191 -11.13 0.35 -2.35
N VAL A 192 -10.04 0.67 -3.07
CA VAL A 192 -9.40 1.99 -2.99
C VAL A 192 -9.54 2.70 -4.33
N ILE A 193 -10.17 3.86 -4.36
CA ILE A 193 -10.31 4.68 -5.56
C ILE A 193 -9.33 5.88 -5.44
N ARG A 194 -8.51 6.05 -6.48
CA ARG A 194 -7.76 7.33 -6.55
C ARG A 194 -8.17 8.12 -7.81
N THR A 195 -8.59 9.38 -7.60
CA THR A 195 -8.98 10.21 -8.73
C THR A 195 -7.79 11.04 -9.08
N GLY A 196 -7.86 11.71 -10.23
CA GLY A 196 -6.84 12.77 -10.54
C GLY A 196 -5.67 12.26 -11.37
N GLY A 197 -5.68 11.00 -11.66
CA GLY A 197 -4.77 10.35 -12.62
C GLY A 197 -3.41 9.77 -12.18
N GLU A 198 -2.95 10.01 -10.95
CA GLU A 198 -1.70 9.40 -10.47
C GLU A 198 -1.96 7.99 -10.03
N HIS A 199 -0.95 7.11 -10.18
CA HIS A 199 -1.14 5.65 -9.91
C HIS A 199 -0.28 5.25 -8.72
N ARG A 200 -0.58 5.86 -7.59
CA ARG A 200 0.25 5.71 -6.37
C ARG A 200 -0.63 5.81 -5.14
N ILE A 201 -0.17 5.19 -4.05
CA ILE A 201 -0.93 5.21 -2.79
C ILE A 201 -0.52 6.41 -1.92
N SER A 202 0.68 6.95 -2.14
CA SER A 202 1.14 8.23 -1.51
C SER A 202 1.00 8.12 0.01
N ASN A 203 1.38 6.97 0.56
CA ASN A 203 1.45 6.84 2.02
C ASN A 203 0.07 7.09 2.68
N PHE A 204 -0.97 6.71 1.98
CA PHE A 204 -2.32 6.58 2.55
C PHE A 204 -2.29 5.23 3.24
N LEU A 205 -3.40 4.47 3.27
CA LEU A 205 -3.48 3.19 4.01
C LEU A 205 -2.45 2.26 3.38
N LEU A 206 -1.71 1.55 4.21
CA LEU A 206 -0.77 0.56 3.67
C LEU A 206 -1.09 -0.82 4.22
N TRP A 207 -1.05 -0.97 5.53
CA TRP A 207 -1.39 -2.26 6.15
C TRP A 207 -2.78 -2.71 5.70
N GLN A 208 -3.69 -1.74 5.69
CA GLN A 208 -5.12 -2.03 5.46
C GLN A 208 -5.42 -2.36 4.01
N ILE A 209 -4.51 -2.05 3.09
CA ILE A 209 -4.92 -2.30 1.69
C ILE A 209 -4.25 -3.51 1.10
N ALA A 210 -3.67 -4.35 1.95
CA ALA A 210 -3.03 -5.61 1.49
C ALA A 210 -3.85 -6.42 0.49
N TYR A 211 -5.19 -6.47 0.65
CA TYR A 211 -6.01 -7.30 -0.24
C TYR A 211 -7.06 -6.51 -0.98
N ALA A 212 -7.03 -5.18 -0.89
CA ALA A 212 -8.01 -4.33 -1.54
C ALA A 212 -7.82 -4.23 -3.07
N GLU A 213 -8.95 -4.08 -3.79
CA GLU A 213 -8.96 -3.71 -5.20
C GLU A 213 -8.54 -2.21 -5.31
N LEU A 214 -7.62 -1.91 -6.25
CA LEU A 214 -7.12 -0.54 -6.45
C LEU A 214 -7.71 -0.07 -7.79
N TYR A 215 -8.37 1.07 -7.76
CA TYR A 215 -9.07 1.52 -8.98
C TYR A 215 -8.63 2.99 -9.19
N PHE A 216 -8.01 3.28 -10.32
CA PHE A 216 -7.46 4.63 -10.59
C PHE A 216 -8.25 5.20 -11.73
N THR A 217 -8.69 6.43 -11.56
CA THR A 217 -9.43 7.11 -12.62
C THR A 217 -8.75 8.51 -12.85
N ASP A 218 -8.69 8.95 -14.12
CA ASP A 218 -8.18 10.25 -14.44
C ASP A 218 -9.14 11.40 -14.07
N VAL A 219 -10.39 11.04 -13.85
CA VAL A 219 -11.35 12.08 -13.50
C VAL A 219 -10.84 12.90 -12.29
N LEU A 220 -10.96 14.24 -12.34
CA LEU A 220 -10.48 15.06 -11.22
C LEU A 220 -11.51 15.04 -10.11
N TRP A 221 -11.07 15.15 -8.84
CA TRP A 221 -12.01 15.01 -7.68
C TRP A 221 -13.33 15.82 -7.80
N PRO A 222 -13.24 17.13 -8.16
CA PRO A 222 -14.48 17.90 -8.19
C PRO A 222 -15.49 17.37 -9.21
N ASP A 223 -15.01 16.66 -10.22
CA ASP A 223 -15.88 16.12 -11.27
C ASP A 223 -16.36 14.70 -10.99
N PHE A 224 -15.77 14.03 -9.99
CA PHE A 224 -16.11 12.64 -9.68
C PHE A 224 -17.51 12.63 -9.08
N ASP A 225 -18.45 12.03 -9.79
CA ASP A 225 -19.83 12.10 -9.41
C ASP A 225 -20.40 10.72 -9.15
N GLU A 226 -21.75 10.61 -9.02
CA GLU A 226 -22.35 9.33 -8.69
C GLU A 226 -22.10 8.30 -9.76
N GLN A 227 -22.14 8.67 -11.03
CA GLN A 227 -21.92 7.71 -12.11
C GLN A 227 -20.47 7.21 -12.03
N ASP A 228 -19.53 8.09 -11.72
CA ASP A 228 -18.15 7.59 -11.57
C ASP A 228 -18.01 6.60 -10.40
N PHE A 229 -18.70 6.90 -9.29
CA PHE A 229 -18.62 6.05 -8.07
C PHE A 229 -19.29 4.72 -8.39
N GLU A 230 -20.44 4.79 -9.05
CA GLU A 230 -21.11 3.60 -9.50
C GLU A 230 -20.22 2.75 -10.38
N GLY A 231 -19.50 3.36 -11.30
CA GLY A 231 -18.53 2.67 -12.15
C GLY A 231 -17.43 1.97 -11.40
N ALA A 232 -16.97 2.59 -10.32
CA ALA A 232 -15.90 1.96 -9.52
C ALA A 232 -16.46 0.77 -8.71
N LEU A 233 -17.64 0.96 -8.14
CA LEU A 233 -18.28 -0.21 -7.48
C LEU A 233 -18.58 -1.37 -8.43
N ASN A 234 -19.12 -1.08 -9.61
CA ASN A 234 -19.36 -2.11 -10.56
C ASN A 234 -18.11 -2.80 -11.06
N ALA A 235 -17.03 -2.03 -11.23
CA ALA A 235 -15.76 -2.63 -11.58
C ALA A 235 -15.29 -3.58 -10.48
N PHE A 236 -15.46 -3.19 -9.20
CA PHE A 236 -15.09 -4.08 -8.11
C PHE A 236 -16.00 -5.39 -8.17
N ALA A 237 -17.32 -5.22 -8.32
CA ALA A 237 -18.29 -6.33 -8.37
C ALA A 237 -17.85 -7.33 -9.48
N ASN A 238 -17.40 -6.80 -10.60
CA ASN A 238 -17.07 -7.63 -11.75
C ASN A 238 -15.70 -8.30 -11.69
N ARG A 239 -14.80 -7.73 -10.90
CA ARG A 239 -13.40 -8.13 -10.90
C ARG A 239 -13.16 -9.06 -9.78
N GLU A 240 -13.86 -8.79 -8.67
CA GLU A 240 -13.89 -9.69 -7.50
C GLU A 240 -14.55 -11.00 -7.95
N GLY B 17 15.96 8.25 -12.89
CA GLY B 17 15.32 7.09 -13.55
C GLY B 17 14.93 6.14 -12.42
N CYS B 18 14.39 5.02 -12.79
CA CYS B 18 13.85 4.06 -11.88
C CYS B 18 15.01 3.24 -11.26
N ARG B 19 15.19 3.28 -9.94
CA ARG B 19 16.29 2.50 -9.31
C ARG B 19 15.89 1.06 -8.84
N HIS B 20 14.62 0.83 -8.49
CA HIS B 20 14.29 -0.43 -7.80
C HIS B 20 12.87 -0.73 -8.30
N VAL B 21 12.73 -1.85 -9.00
CA VAL B 21 11.45 -2.22 -9.55
C VAL B 21 11.05 -3.50 -8.82
N ALA B 22 9.77 -3.61 -8.46
CA ALA B 22 9.23 -4.89 -7.87
C ALA B 22 8.12 -5.43 -8.79
N ILE B 23 8.05 -6.73 -8.97
CA ILE B 23 7.10 -7.25 -9.95
C ILE B 23 6.33 -8.35 -9.26
N ILE B 24 5.00 -8.27 -9.36
CA ILE B 24 4.16 -9.40 -8.99
C ILE B 24 3.95 -10.19 -10.30
N MET B 25 4.54 -11.37 -10.37
CA MET B 25 4.56 -12.11 -11.62
C MET B 25 3.35 -13.05 -11.80
N ASP B 26 2.18 -12.58 -12.20
CA ASP B 26 1.03 -13.44 -12.17
C ASP B 26 0.61 -13.74 -13.62
N GLY B 27 -0.05 -14.89 -13.79
CA GLY B 27 -0.62 -15.26 -15.11
C GLY B 27 -0.05 -16.57 -15.66
N ASN B 28 0.86 -17.22 -14.93
CA ASN B 28 1.43 -18.50 -15.43
C ASN B 28 0.34 -19.61 -15.70
N GLY B 29 -0.58 -19.77 -14.74
CA GLY B 29 -1.62 -20.80 -14.76
C GLY B 29 -2.57 -20.50 -15.92
N ARG B 30 -2.97 -19.24 -16.02
CA ARG B 30 -3.86 -18.84 -17.09
C ARG B 30 -3.20 -18.96 -18.46
N TRP B 31 -1.89 -18.66 -18.54
CA TRP B 31 -1.17 -18.76 -19.82
C TRP B 31 -1.13 -20.22 -20.30
N ALA B 32 -0.84 -21.14 -19.39
CA ALA B 32 -0.80 -22.59 -19.67
C ALA B 32 -2.13 -23.04 -20.23
N LYS B 33 -3.18 -22.64 -19.53
CA LYS B 33 -4.55 -22.97 -19.91
C LYS B 33 -4.91 -22.42 -21.30
N LYS B 34 -4.52 -21.19 -21.62
CA LYS B 34 -4.69 -20.69 -23.01
C LYS B 34 -3.92 -21.51 -24.06
N GLN B 35 -2.71 -21.93 -23.70
CA GLN B 35 -1.86 -22.78 -24.52
C GLN B 35 -2.38 -24.23 -24.65
N GLY B 36 -3.40 -24.61 -23.86
CA GLY B 36 -3.90 -26.00 -23.85
C GLY B 36 -2.87 -26.95 -23.24
N LYS B 37 -2.12 -26.46 -22.25
CA LYS B 37 -1.04 -27.22 -21.60
C LYS B 37 -1.25 -27.31 -20.09
N ILE B 38 -0.49 -28.21 -19.45
CA ILE B 38 -0.58 -28.39 -18.00
C ILE B 38 0.11 -27.21 -17.26
N ARG B 39 -0.31 -26.97 -16.02
CA ARG B 39 0.28 -25.94 -15.12
C ARG B 39 1.82 -25.90 -15.22
N ALA B 40 2.46 -27.06 -15.04
CA ALA B 40 3.94 -27.20 -15.15
C ALA B 40 4.59 -26.43 -16.32
N PHE B 41 3.94 -26.48 -17.48
CA PHE B 41 4.42 -25.83 -18.69
C PHE B 41 4.44 -24.32 -18.57
N GLY B 42 3.45 -23.80 -17.83
CA GLY B 42 3.33 -22.39 -17.58
C GLY B 42 4.39 -21.97 -16.60
N HIS B 43 4.70 -22.82 -15.61
CA HIS B 43 5.79 -22.54 -14.67
C HIS B 43 7.10 -22.45 -15.42
N LYS B 44 7.29 -23.34 -16.37
CA LYS B 44 8.50 -23.32 -17.12
C LYS B 44 8.60 -22.08 -18.06
N ALA B 45 7.50 -21.67 -18.71
CA ALA B 45 7.54 -20.41 -19.50
C ALA B 45 7.75 -19.19 -18.60
N GLY B 46 7.23 -19.28 -17.37
CA GLY B 46 7.35 -18.15 -16.41
C GLY B 46 8.83 -18.07 -16.02
N ALA B 47 9.55 -19.20 -15.97
CA ALA B 47 10.93 -19.15 -15.53
C ALA B 47 11.77 -18.49 -16.63
N LYS B 48 11.42 -18.73 -17.90
CA LYS B 48 12.08 -18.10 -19.06
C LYS B 48 11.82 -16.59 -19.01
N SER B 49 10.64 -16.21 -18.58
CA SER B 49 10.35 -14.81 -18.49
C SER B 49 11.11 -14.11 -17.31
N VAL B 50 11.30 -14.85 -16.22
CA VAL B 50 12.20 -14.38 -15.16
C VAL B 50 13.57 -14.06 -15.73
N ARG B 51 14.20 -15.05 -16.43
CA ARG B 51 15.51 -14.87 -16.97
C ARG B 51 15.56 -13.59 -17.84
N ARG B 52 14.56 -13.40 -18.70
CA ARG B 52 14.53 -12.26 -19.58
C ARG B 52 14.44 -10.94 -18.81
N ALA B 53 13.65 -10.90 -17.72
CA ALA B 53 13.39 -9.68 -16.95
C ALA B 53 14.64 -9.31 -16.14
N VAL B 54 15.28 -10.33 -15.58
CA VAL B 54 16.55 -10.17 -14.86
C VAL B 54 17.62 -9.63 -15.79
N SER B 55 17.76 -10.24 -16.96
CA SER B 55 18.76 -9.70 -17.93
C SER B 55 18.47 -8.25 -18.30
N PHE B 56 17.20 -7.98 -18.60
CA PHE B 56 16.79 -6.63 -18.97
C PHE B 56 17.10 -5.62 -17.87
N ALA B 57 16.75 -5.93 -16.62
CA ALA B 57 17.05 -5.01 -15.53
C ALA B 57 18.57 -4.82 -15.38
N ALA B 58 19.32 -5.93 -15.47
CA ALA B 58 20.80 -5.81 -15.32
C ALA B 58 21.46 -5.03 -16.50
N ASN B 59 20.91 -5.14 -17.68
CA ASN B 59 21.45 -4.44 -18.89
C ASN B 59 21.04 -2.96 -18.95
N ASN B 60 20.03 -2.62 -18.18
CA ASN B 60 19.53 -1.25 -18.14
C ASN B 60 19.88 -0.46 -16.93
N GLY B 61 20.77 -0.99 -16.09
CA GLY B 61 21.27 -0.23 -14.95
C GLY B 61 20.31 -0.09 -13.78
N ILE B 62 19.23 -0.89 -13.76
CA ILE B 62 18.35 -0.89 -12.59
C ILE B 62 19.16 -1.45 -11.41
N GLU B 63 19.09 -0.80 -10.26
CA GLU B 63 19.88 -1.23 -9.11
C GLU B 63 19.32 -2.47 -8.42
N ALA B 64 18.00 -2.57 -8.33
CA ALA B 64 17.40 -3.68 -7.59
C ALA B 64 16.15 -4.11 -8.33
N LEU B 65 15.91 -5.42 -8.34
CA LEU B 65 14.71 -6.04 -8.89
C LEU B 65 14.19 -7.02 -7.87
N THR B 66 12.91 -6.87 -7.48
CA THR B 66 12.33 -7.72 -6.45
C THR B 66 11.13 -8.46 -7.08
N LEU B 67 11.15 -9.79 -7.06
CA LEU B 67 10.17 -10.60 -7.78
C LEU B 67 9.34 -11.44 -6.83
N TYR B 68 8.04 -11.36 -7.01
CA TYR B 68 7.11 -12.10 -6.16
C TYR B 68 6.31 -13.05 -7.08
N ALA B 69 6.39 -14.34 -6.87
CA ALA B 69 5.54 -15.25 -7.67
C ALA B 69 4.19 -15.38 -7.01
N PHE B 70 3.15 -14.79 -7.65
CA PHE B 70 1.70 -14.99 -7.32
C PHE B 70 1.21 -16.06 -8.30
N SER B 71 0.41 -17.02 -7.81
CA SER B 71 -0.23 -17.97 -8.74
C SER B 71 -1.75 -17.88 -8.62
N PHE B 89 11.99 -24.82 -6.21
CA PHE B 89 12.56 -23.43 -5.98
C PHE B 89 14.08 -23.45 -5.70
N VAL B 90 14.53 -24.31 -4.80
CA VAL B 90 15.98 -24.29 -4.51
C VAL B 90 16.74 -24.80 -5.73
N TRP B 91 16.13 -25.73 -6.47
CA TRP B 91 16.75 -26.27 -7.65
C TRP B 91 16.93 -25.19 -8.71
N ALA B 92 15.87 -24.39 -8.91
CA ALA B 92 15.91 -23.31 -9.90
C ALA B 92 17.05 -22.35 -9.54
N LEU B 93 17.10 -21.97 -8.25
CA LEU B 93 18.11 -21.05 -7.75
C LEU B 93 19.47 -21.61 -8.02
N ASP B 94 19.72 -22.82 -7.51
CA ASP B 94 20.97 -23.49 -7.64
C ASP B 94 21.46 -23.59 -9.06
N SER B 95 20.55 -23.86 -10.00
CA SER B 95 21.05 -24.03 -11.33
C SER B 95 21.32 -22.67 -11.98
N GLU B 96 20.84 -21.58 -11.38
CA GLU B 96 21.02 -20.26 -12.01
C GLU B 96 22.10 -19.41 -11.32
N VAL B 97 22.51 -19.82 -10.12
CA VAL B 97 23.31 -18.96 -9.25
C VAL B 97 24.71 -18.68 -9.87
N LYS B 98 25.26 -19.70 -10.51
CA LYS B 98 26.59 -19.54 -11.09
C LYS B 98 26.59 -18.45 -12.17
N SER B 99 25.60 -18.47 -13.04
CA SER B 99 25.43 -17.43 -14.04
C SER B 99 25.11 -16.06 -13.43
N LEU B 100 24.22 -15.97 -12.43
CA LEU B 100 23.98 -14.68 -11.76
C LEU B 100 25.31 -14.13 -11.16
N HIS B 101 26.08 -14.99 -10.49
CA HIS B 101 27.34 -14.60 -9.86
C HIS B 101 28.32 -14.03 -10.90
N ARG B 102 28.47 -14.76 -12.02
CA ARG B 102 29.24 -14.27 -13.14
C ARG B 102 28.78 -12.94 -13.64
N HIS B 103 27.47 -12.65 -13.55
CA HIS B 103 26.98 -11.33 -13.96
C HIS B 103 26.97 -10.25 -12.88
N ASN B 104 27.72 -10.51 -11.80
CA ASN B 104 27.88 -9.56 -10.70
C ASN B 104 26.51 -9.24 -10.02
N VAL B 105 25.60 -10.21 -10.05
CA VAL B 105 24.27 -10.04 -9.37
C VAL B 105 24.37 -10.50 -7.95
N ARG B 106 23.81 -9.71 -7.02
CA ARG B 106 23.73 -10.09 -5.62
C ARG B 106 22.31 -10.72 -5.45
N LEU B 107 22.24 -11.97 -5.00
CA LEU B 107 20.96 -12.69 -4.93
C LEU B 107 20.56 -12.70 -3.45
N ARG B 108 19.35 -12.27 -3.13
CA ARG B 108 18.78 -12.38 -1.77
C ARG B 108 17.43 -12.99 -1.83
N ILE B 109 17.11 -13.82 -0.84
CA ILE B 109 15.73 -14.34 -0.76
C ILE B 109 15.06 -13.59 0.39
N ILE B 110 13.83 -13.09 0.22
CA ILE B 110 13.13 -12.39 1.28
C ILE B 110 11.86 -13.20 1.59
N GLY B 111 11.54 -13.30 2.86
CA GLY B 111 10.40 -14.14 3.24
C GLY B 111 10.81 -15.13 4.32
N ASP B 112 9.84 -15.90 4.75
CA ASP B 112 10.03 -16.76 5.91
C ASP B 112 10.49 -18.12 5.41
N THR B 113 11.79 -18.33 5.42
CA THR B 113 12.33 -19.61 4.95
C THR B 113 12.54 -20.60 6.12
N SER B 114 12.05 -20.23 7.30
CA SER B 114 12.36 -20.96 8.56
C SER B 114 11.75 -22.35 8.60
N ARG B 115 10.80 -22.63 7.72
CA ARG B 115 10.15 -23.94 7.78
C ARG B 115 10.49 -24.79 6.56
N PHE B 116 11.37 -24.29 5.69
CA PHE B 116 11.93 -25.05 4.58
C PHE B 116 12.82 -26.11 5.22
N ASN B 117 13.00 -27.23 4.57
CA ASN B 117 13.93 -28.22 5.16
C ASN B 117 15.33 -27.61 5.33
N SER B 118 16.08 -28.09 6.31
CA SER B 118 17.38 -27.46 6.59
C SER B 118 18.42 -27.56 5.46
N ARG B 119 18.31 -28.61 4.66
CA ARG B 119 19.21 -28.71 3.51
C ARG B 119 18.97 -27.53 2.57
N LEU B 120 17.71 -27.28 2.25
CA LEU B 120 17.36 -26.17 1.33
C LEU B 120 17.72 -24.81 1.93
N GLN B 121 17.55 -24.68 3.25
CA GLN B 121 17.91 -23.43 3.94
C GLN B 121 19.39 -23.20 3.78
N GLU B 122 20.16 -24.28 3.97
CA GLU B 122 21.59 -24.21 3.78
C GLU B 122 21.99 -23.85 2.35
N ARG B 123 21.30 -24.39 1.38
CA ARG B 123 21.59 -24.04 -0.01
C ARG B 123 21.21 -22.61 -0.34
N ILE B 124 20.09 -22.13 0.24
CA ILE B 124 19.73 -20.70 0.08
C ILE B 124 20.83 -19.81 0.68
N ARG B 125 21.32 -20.15 1.87
CA ARG B 125 22.31 -19.32 2.56
C ARG B 125 23.60 -19.32 1.74
N LYS B 126 23.93 -20.46 1.14
CA LYS B 126 25.18 -20.59 0.40
C LYS B 126 25.18 -19.73 -0.88
N SER B 127 24.04 -19.71 -1.56
CA SER B 127 23.85 -18.87 -2.75
C SER B 127 23.89 -17.39 -2.43
N GLU B 128 23.30 -17.02 -1.32
CA GLU B 128 23.36 -15.62 -0.87
C GLU B 128 24.80 -15.24 -0.53
N ALA B 129 25.48 -16.12 0.19
CA ALA B 129 26.83 -15.78 0.65
C ALA B 129 27.78 -15.68 -0.54
N LEU B 130 27.62 -16.58 -1.50
CA LEU B 130 28.42 -16.57 -2.74
C LEU B 130 28.38 -15.19 -3.43
N THR B 131 27.17 -14.61 -3.51
CA THR B 131 26.95 -13.46 -4.35
C THR B 131 26.90 -12.16 -3.52
N ALA B 132 27.11 -12.26 -2.20
CA ALA B 132 26.77 -11.15 -1.30
C ALA B 132 27.69 -9.93 -1.54
N GLY B 133 28.92 -10.22 -1.96
CA GLY B 133 29.92 -9.22 -2.30
C GLY B 133 29.68 -8.58 -3.66
N ASN B 134 28.71 -9.06 -4.44
CA ASN B 134 28.57 -8.54 -5.84
C ASN B 134 28.01 -7.11 -5.86
N THR B 135 28.35 -6.31 -6.87
CA THR B 135 28.01 -4.90 -6.79
C THR B 135 27.11 -4.44 -7.91
N GLY B 136 26.61 -5.37 -8.73
CA GLY B 136 25.72 -4.99 -9.83
C GLY B 136 24.28 -5.02 -9.30
N LEU B 137 23.40 -5.62 -10.08
CA LEU B 137 21.97 -5.74 -9.77
C LEU B 137 21.77 -6.54 -8.49
N THR B 138 20.97 -6.01 -7.58
CA THR B 138 20.52 -6.86 -6.46
C THR B 138 19.19 -7.45 -6.86
N LEU B 139 19.10 -8.78 -6.83
CA LEU B 139 17.90 -9.50 -7.25
C LEU B 139 17.33 -10.12 -5.92
N ASN B 140 16.13 -9.67 -5.52
CA ASN B 140 15.46 -10.19 -4.36
C ASN B 140 14.32 -11.07 -4.82
N ILE B 141 14.32 -12.31 -4.35
CA ILE B 141 13.31 -13.27 -4.74
C ILE B 141 12.48 -13.51 -3.50
N ALA B 142 11.20 -13.18 -3.61
CA ALA B 142 10.29 -13.48 -2.49
C ALA B 142 9.97 -15.00 -2.38
N ALA B 143 10.10 -15.56 -1.20
CA ALA B 143 9.73 -16.98 -1.01
C ALA B 143 9.02 -17.02 0.28
N ASN B 144 7.76 -17.45 0.25
CA ASN B 144 6.95 -17.42 1.45
C ASN B 144 6.99 -16.02 2.12
N TYR B 145 6.82 -14.99 1.31
CA TYR B 145 6.91 -13.63 1.78
C TYR B 145 5.49 -13.07 1.90
N GLY B 146 5.23 -12.20 2.90
CA GLY B 146 4.00 -11.40 2.91
C GLY B 146 4.42 -10.05 3.46
N GLY B 147 3.80 -8.98 2.95
CA GLY B 147 4.17 -7.66 3.40
C GLY B 147 3.80 -7.44 4.89
N ARG B 148 2.69 -8.05 5.32
CA ARG B 148 2.32 -7.97 6.78
C ARG B 148 3.28 -8.76 7.66
N TRP B 149 3.66 -9.93 7.16
CA TRP B 149 4.67 -10.79 7.86
C TRP B 149 5.99 -10.00 8.04
N ASP B 150 6.38 -9.24 7.02
CA ASP B 150 7.66 -8.54 6.94
C ASP B 150 7.65 -7.44 8.03
N ILE B 151 6.53 -6.70 8.07
CA ILE B 151 6.41 -5.68 9.11
C ILE B 151 6.47 -6.37 10.54
N VAL B 152 5.72 -7.47 10.71
CA VAL B 152 5.61 -8.13 12.01
C VAL B 152 6.98 -8.64 12.45
N GLN B 153 7.80 -9.11 11.51
CA GLN B 153 9.12 -9.62 11.94
C GLN B 153 9.98 -8.47 12.48
N GLY B 154 9.89 -7.28 11.86
CA GLY B 154 10.58 -6.08 12.37
C GLY B 154 10.01 -5.63 13.74
N VAL B 155 8.70 -5.73 13.89
CA VAL B 155 8.03 -5.37 15.17
C VAL B 155 8.50 -6.29 16.31
N ARG B 156 8.60 -7.59 16.01
CA ARG B 156 9.03 -8.59 17.01
C ARG B 156 10.44 -8.27 17.47
N GLN B 157 11.27 -7.80 16.54
CA GLN B 157 12.64 -7.43 16.87
C GLN B 157 12.67 -6.25 17.81
N LEU B 158 11.91 -5.20 17.48
CA LEU B 158 11.80 -4.05 18.36
C LEU B 158 11.22 -4.45 19.72
N ALA B 159 10.20 -5.31 19.73
CA ALA B 159 9.57 -5.79 20.96
C ALA B 159 10.64 -6.47 21.86
N GLU B 160 11.50 -7.30 21.26
CA GLU B 160 12.64 -7.90 21.98
C GLU B 160 13.53 -6.86 22.64
N LYS B 161 13.87 -5.81 21.88
CA LYS B 161 14.70 -4.74 22.43
C LYS B 161 14.03 -4.00 23.59
N VAL B 162 12.71 -3.81 23.51
CA VAL B 162 11.99 -3.16 24.56
C VAL B 162 12.07 -4.04 25.81
N GLN B 163 11.82 -5.34 25.67
CA GLN B 163 11.68 -6.22 26.83
C GLN B 163 13.03 -6.36 27.54
N GLN B 164 14.11 -6.23 26.76
CA GLN B 164 15.48 -6.27 27.30
C GLN B 164 15.90 -4.93 27.93
N GLY B 165 15.06 -3.92 27.79
CA GLY B 165 15.32 -2.59 28.35
C GLY B 165 16.28 -1.76 27.51
N ASN B 166 16.61 -2.24 26.31
CA ASN B 166 17.45 -1.45 25.38
C ASN B 166 16.66 -0.43 24.51
N LEU B 167 15.34 -0.39 24.66
CA LEU B 167 14.56 0.53 23.83
C LEU B 167 13.32 1.07 24.52
N GLN B 168 13.08 2.37 24.44
CA GLN B 168 11.83 2.96 24.96
C GLN B 168 10.71 2.99 23.90
N PRO B 169 9.47 2.60 24.27
CA PRO B 169 8.42 2.60 23.25
C PRO B 169 8.30 3.95 22.54
N ASP B 170 8.47 5.07 23.25
CA ASP B 170 8.38 6.41 22.60
C ASP B 170 9.54 6.73 21.61
N GLN B 171 10.65 5.99 21.66
CA GLN B 171 11.76 6.09 20.72
C GLN B 171 11.47 5.41 19.35
N ILE B 172 10.41 4.61 19.30
CA ILE B 172 10.10 3.89 18.04
C ILE B 172 9.45 4.86 17.04
N ASP B 173 10.12 5.06 15.91
CA ASP B 173 9.62 5.94 14.89
C ASP B 173 9.73 5.26 13.51
N GLU B 174 9.29 5.94 12.47
CA GLU B 174 9.28 5.34 11.11
C GLU B 174 10.68 4.92 10.65
N GLU B 175 11.70 5.77 10.85
CA GLU B 175 13.06 5.38 10.42
C GLU B 175 13.53 4.12 11.14
N MET B 176 13.18 3.99 12.41
CA MET B 176 13.59 2.83 13.17
C MET B 176 12.94 1.53 12.68
N LEU B 177 11.63 1.55 12.45
CA LEU B 177 10.94 0.37 11.96
C LEU B 177 11.46 0.06 10.54
N ASN B 178 11.66 1.11 9.75
CA ASN B 178 12.21 0.94 8.41
C ASN B 178 13.52 0.14 8.41
N GLN B 179 14.36 0.37 9.43
CA GLN B 179 15.62 -0.31 9.53
C GLN B 179 15.45 -1.79 9.91
N HIS B 180 14.22 -2.21 10.22
CA HIS B 180 14.02 -3.60 10.57
C HIS B 180 13.07 -4.29 9.59
N VAL B 181 12.75 -3.66 8.47
CA VAL B 181 11.95 -4.39 7.48
C VAL B 181 12.84 -4.76 6.27
N CYS B 182 12.39 -5.72 5.46
CA CYS B 182 13.19 -6.16 4.27
C CYS B 182 13.60 -5.02 3.36
N MET B 183 14.83 -5.08 2.83
CA MET B 183 15.34 -4.20 1.78
C MET B 183 15.68 -2.81 2.22
N HIS B 184 15.80 -2.59 3.52
CA HIS B 184 16.06 -1.21 3.99
C HIS B 184 17.44 -0.67 3.53
N GLU B 185 18.38 -1.56 3.17
CA GLU B 185 19.69 -1.11 2.64
C GLU B 185 19.68 -0.75 1.15
N LEU B 186 18.54 -0.99 0.47
CA LEU B 186 18.47 -0.73 -0.95
C LEU B 186 17.74 0.57 -1.28
N ALA B 187 17.85 1.03 -2.53
CA ALA B 187 17.08 2.22 -2.99
C ALA B 187 15.60 1.93 -2.73
N PRO B 188 14.78 2.95 -2.37
CA PRO B 188 13.35 2.75 -2.20
C PRO B 188 12.76 2.17 -3.50
N VAL B 189 11.74 1.34 -3.34
CA VAL B 189 10.98 0.83 -4.48
C VAL B 189 10.30 2.02 -5.20
N ASP B 190 10.65 2.18 -6.44
CA ASP B 190 10.18 3.27 -7.30
C ASP B 190 8.94 2.82 -8.07
N LEU B 191 8.89 1.53 -8.42
CA LEU B 191 7.85 1.08 -9.38
C LEU B 191 7.49 -0.37 -9.05
N VAL B 192 6.19 -0.62 -8.99
CA VAL B 192 5.64 -2.00 -8.81
C VAL B 192 4.84 -2.33 -10.04
N ILE B 193 5.20 -3.44 -10.66
CA ILE B 193 4.49 -3.91 -11.89
C ILE B 193 3.69 -5.12 -11.46
N ARG B 194 2.41 -5.20 -11.81
CA ARG B 194 1.77 -6.53 -11.65
C ARG B 194 1.21 -6.96 -13.01
N THR B 195 1.58 -8.16 -13.45
CA THR B 195 1.13 -8.72 -14.73
C THR B 195 -0.08 -9.58 -14.41
N GLY B 196 -0.83 -9.96 -15.44
CA GLY B 196 -1.86 -11.02 -15.24
C GLY B 196 -3.23 -10.46 -15.02
N GLY B 197 -3.33 -9.13 -14.97
CA GLY B 197 -4.70 -8.51 -14.99
C GLY B 197 -5.38 -8.11 -13.70
N GLU B 198 -4.91 -8.57 -12.54
CA GLU B 198 -5.51 -8.20 -11.23
C GLU B 198 -4.96 -6.89 -10.73
N HIS B 199 -5.81 -6.10 -10.10
CA HIS B 199 -5.42 -4.73 -9.66
C HIS B 199 -5.31 -4.70 -8.11
N ARG B 200 -4.41 -5.49 -7.56
CA ARG B 200 -4.25 -5.60 -6.10
C ARG B 200 -2.80 -5.83 -5.80
N ILE B 201 -2.40 -5.52 -4.56
CA ILE B 201 -1.04 -5.78 -4.12
C ILE B 201 -0.90 -7.17 -3.52
N SER B 202 -2.00 -7.73 -3.08
CA SER B 202 -2.04 -9.17 -2.63
C SER B 202 -0.97 -9.43 -1.54
N ASN B 203 -0.84 -8.47 -0.60
CA ASN B 203 0.03 -8.65 0.56
C ASN B 203 1.50 -8.98 0.08
N PHE B 204 1.89 -8.40 -1.06
CA PHE B 204 3.32 -8.26 -1.42
C PHE B 204 3.82 -7.11 -0.52
N LEU B 205 4.80 -6.33 -0.95
CA LEU B 205 5.36 -5.25 -0.17
C LEU B 205 4.25 -4.26 0.23
N LEU B 206 4.25 -3.84 1.50
CA LEU B 206 3.29 -2.85 1.97
C LEU B 206 4.01 -1.59 2.49
N TRP B 207 4.84 -1.74 3.50
CA TRP B 207 5.62 -0.64 4.05
C TRP B 207 6.44 0.03 2.89
N GLN B 208 6.98 -0.81 2.03
CA GLN B 208 8.01 -0.31 1.10
C GLN B 208 7.42 0.37 -0.13
N ILE B 209 6.11 0.25 -0.31
CA ILE B 209 5.50 0.79 -1.56
C ILE B 209 4.73 2.07 -1.32
N ALA B 210 5.00 2.70 -0.17
CA ALA B 210 4.29 3.95 0.18
C ALA B 210 4.34 5.01 -0.90
N TYR B 211 5.50 5.13 -1.55
CA TYR B 211 5.62 6.13 -2.63
C TYR B 211 5.99 5.55 -3.99
N ALA B 212 5.62 4.33 -4.27
CA ALA B 212 5.97 3.71 -5.52
C ALA B 212 4.90 3.99 -6.57
N GLU B 213 5.31 4.06 -7.83
CA GLU B 213 4.36 4.05 -8.97
C GLU B 213 3.81 2.62 -9.11
N LEU B 214 2.49 2.47 -9.35
CA LEU B 214 1.88 1.12 -9.47
C LEU B 214 1.46 1.01 -10.90
N TYR B 215 1.90 -0.07 -11.55
CA TYR B 215 1.67 -0.26 -12.97
C TYR B 215 1.06 -1.63 -13.19
N PHE B 216 -0.19 -1.66 -13.68
CA PHE B 216 -0.88 -2.92 -13.84
C PHE B 216 -1.01 -3.22 -15.33
N THR B 217 -0.70 -4.44 -15.73
CA THR B 217 -0.83 -4.80 -17.14
C THR B 217 -1.60 -6.11 -17.23
N ASP B 218 -2.45 -6.25 -18.25
CA ASP B 218 -3.20 -7.53 -18.49
C ASP B 218 -2.30 -8.59 -19.09
N VAL B 219 -1.12 -8.21 -19.57
CA VAL B 219 -0.14 -9.19 -20.13
C VAL B 219 0.17 -10.30 -19.11
N LEU B 220 0.11 -11.58 -19.54
CA LEU B 220 0.37 -12.69 -18.64
C LEU B 220 1.85 -12.87 -18.45
N TRP B 221 2.27 -13.25 -17.23
CA TRP B 221 3.74 -13.25 -16.92
C TRP B 221 4.63 -13.93 -17.99
N PRO B 222 4.23 -15.12 -18.44
CA PRO B 222 5.14 -15.72 -19.45
C PRO B 222 5.35 -14.87 -20.76
N ASP B 223 4.39 -14.00 -21.10
CA ASP B 223 4.42 -13.16 -22.31
C ASP B 223 5.11 -11.79 -22.08
N PHE B 224 5.32 -11.47 -20.81
CA PHE B 224 5.88 -10.20 -20.41
C PHE B 224 7.33 -10.09 -20.89
N ASP B 225 7.56 -9.20 -21.83
CA ASP B 225 8.89 -9.08 -22.45
C ASP B 225 9.57 -7.72 -22.27
N GLU B 226 10.67 -7.46 -23.01
CA GLU B 226 11.44 -6.22 -22.80
C GLU B 226 10.65 -4.99 -23.18
N GLN B 227 9.78 -5.13 -24.19
CA GLN B 227 8.95 -4.02 -24.62
C GLN B 227 7.91 -3.74 -23.50
N ASP B 228 7.40 -4.78 -22.84
CA ASP B 228 6.39 -4.60 -21.78
C ASP B 228 7.10 -3.91 -20.57
N PHE B 229 8.32 -4.33 -20.30
CA PHE B 229 9.09 -3.83 -19.16
C PHE B 229 9.46 -2.33 -19.49
N GLU B 230 9.85 -2.02 -20.71
CA GLU B 230 10.08 -0.61 -21.08
C GLU B 230 8.82 0.29 -20.98
N GLY B 231 7.64 -0.27 -21.31
CA GLY B 231 6.41 0.50 -21.22
C GLY B 231 6.13 0.84 -19.77
N ALA B 232 6.44 -0.08 -18.84
CA ALA B 232 6.29 0.19 -17.41
C ALA B 232 7.27 1.31 -16.98
N LEU B 233 8.52 1.18 -17.38
CA LEU B 233 9.51 2.24 -17.07
C LEU B 233 9.11 3.62 -17.66
N ASN B 234 8.48 3.63 -18.83
CA ASN B 234 7.83 4.88 -19.34
C ASN B 234 6.80 5.54 -18.45
N ALA B 235 5.94 4.73 -17.82
CA ALA B 235 4.87 5.23 -16.96
C ALA B 235 5.51 5.91 -15.76
N PHE B 236 6.60 5.30 -15.28
CA PHE B 236 7.35 5.90 -14.22
C PHE B 236 7.92 7.24 -14.73
N ALA B 237 8.58 7.25 -15.90
CA ALA B 237 9.28 8.46 -16.42
C ALA B 237 8.32 9.60 -16.73
N ASN B 238 7.15 9.26 -17.28
CA ASN B 238 6.08 10.23 -17.46
C ASN B 238 5.70 10.99 -16.20
N ARG B 239 5.25 10.28 -15.17
CA ARG B 239 5.06 10.87 -13.84
C ARG B 239 6.29 11.64 -13.40
#